data_5N6V
#
_entry.id   5N6V
#
_cell.length_a   60.100
_cell.length_b   96.150
_cell.length_c   116.920
_cell.angle_alpha   90.000
_cell.angle_beta   90.000
_cell.angle_gamma   90.000
#
_symmetry.space_group_name_H-M   'P 2 21 21'
#
loop_
_entity.id
_entity.type
_entity.pdbx_description
1 polymer Amylosucrase
2 branched beta-D-fructofuranose-(2-1)-alpha-D-glucopyranose
3 non-polymer 2-AMINO-2-HYDROXYMETHYL-PROPANE-1,3-DIOL
4 non-polymer alpha-D-glucopyranose
5 non-polymer '4-(2-HYDROXYETHYL)-1-PIPERAZINE ETHANESULFONIC ACID'
6 non-polymer 'TRIETHYLENE GLYCOL'
7 non-polymer beta-D-fructofuranose
8 non-polymer 'PENTAETHYLENE GLYCOL'
9 water water
#
_entity_poly.entity_id   1
_entity_poly.type   'polypeptide(L)'
_entity_poly.pdbx_seq_one_letter_code
;SPNSQYLKTRILDIYTPEQRAGIEKSEDWRQFSRRMHTHFPKLMNELDSVYGNNEALLPMLEMLLAQAWQSYSQRNSSLK
DIDIARENNPDWILSNKQVGGVCYVDLFAGDLKGLKDKIPYFQELGLTYLHLMPLFKCPEGKSDGGYAVSSYRDVNPALG
TIGDLREVIAALHEAGISAVVDFIFNHTSNEHEWAQRCAAGDPLFDNFYYIFPDRRMPDQYDRTLREIFPDQHPGGFSQL
EDGRWVWTTFNSFQWDLNYSNPWVFRAMAGEMLFLANLGVDILRMDAVAFIWKQMGTSCENLPQAHALIRAFNAVMRIAA
PAVFFKSEAIDHPDQVVQYIGQDECQIGYNPLQMALLWNTLATREVNLLHQALTYRHNLPEHTAWVNYVRSHDDIGWTFA
DEDAAYLGISGYDHRQFLNRFFVNRFDGSFARGVPFQYNPSTGDCRVSGTAAALVGLAQDDPHAVDRIKLLYSIALSTGG
LPLIYLGDEVGTLNDDDWSQDSNKSDDSRWAHRPRYNEALYAQRNNPSTAAGQIYQDLRHMIAVRQSNPRFDGGRLVTFN
TNNKHIIGYIRNNALLAFGNFSEYPQTVTAHTLQAMPFKAHDLIGGKTISLNQDLTLQPYQVMWLEIA
;
_entity_poly.pdbx_strand_id   A
#
# COMPACT_ATOMS: atom_id res chain seq x y z
N SER A 1 13.83 26.59 20.29
CA SER A 1 13.88 25.14 20.08
C SER A 1 15.24 24.58 20.50
N PRO A 2 15.23 23.44 21.22
CA PRO A 2 16.45 22.79 21.74
C PRO A 2 17.29 22.18 20.63
N ASN A 3 18.57 21.93 20.88
CA ASN A 3 19.38 21.29 19.86
C ASN A 3 19.69 19.86 20.24
N SER A 4 20.17 19.09 19.27
CA SER A 4 20.38 17.66 19.43
C SER A 4 21.42 17.37 20.51
N GLN A 5 22.41 18.25 20.66
CA GLN A 5 23.47 18.01 21.64
C GLN A 5 22.94 18.16 23.05
N TYR A 6 22.23 19.26 23.30
CA TYR A 6 21.56 19.48 24.56
C TYR A 6 20.66 18.28 24.92
N LEU A 7 19.85 17.86 23.96
CA LEU A 7 18.90 16.78 24.23
C LEU A 7 19.58 15.45 24.51
N LYS A 8 20.68 15.16 23.81
CA LYS A 8 21.45 13.94 24.06
C LYS A 8 22.04 13.89 25.47
N THR A 9 22.55 15.02 25.97
CA THR A 9 23.14 15.05 27.31
C THR A 9 22.10 14.70 28.36
N ARG A 10 20.87 15.14 28.13
CA ARG A 10 19.80 14.89 29.08
C ARG A 10 19.29 13.46 29.01
N ILE A 11 19.31 12.87 27.82
CA ILE A 11 19.00 11.44 27.67
C ILE A 11 19.88 10.62 28.62
N LEU A 12 21.18 10.94 28.65
CA LEU A 12 22.15 10.20 29.44
C LEU A 12 22.03 10.39 30.96
N ASP A 13 21.25 11.39 31.40
CA ASP A 13 21.15 11.67 32.83
C ASP A 13 20.47 10.56 33.63
N ILE A 14 19.89 9.58 32.95
CA ILE A 14 19.25 8.47 33.65
C ILE A 14 20.28 7.48 34.18
N TYR A 15 21.52 7.60 33.71
CA TYR A 15 22.59 6.68 34.09
C TYR A 15 23.42 7.19 35.26
N THR A 16 23.97 6.27 36.04
CA THR A 16 25.00 6.62 37.02
C THR A 16 26.24 7.10 36.24
N PRO A 17 27.12 7.87 36.89
CA PRO A 17 28.34 8.33 36.19
C PRO A 17 29.12 7.19 35.54
N GLU A 18 29.24 6.06 36.26
N GLU A 18 29.24 6.06 36.27
CA GLU A 18 29.97 4.90 35.76
CA GLU A 18 29.96 4.91 35.77
C GLU A 18 29.28 4.29 34.54
C GLU A 18 29.28 4.29 34.55
N GLN A 19 27.96 4.14 34.63
CA GLN A 19 27.18 3.62 33.51
C GLN A 19 27.29 4.55 32.32
N ARG A 20 27.17 5.84 32.59
CA ARG A 20 27.16 6.85 31.54
C ARG A 20 28.45 6.86 30.76
N ALA A 21 29.58 6.76 31.45
CA ALA A 21 30.86 6.72 30.76
C ALA A 21 30.93 5.55 29.78
N GLY A 22 30.36 4.42 30.19
CA GLY A 22 30.31 3.25 29.34
C GLY A 22 29.45 3.47 28.11
N ILE A 23 28.30 4.10 28.32
CA ILE A 23 27.37 4.33 27.21
C ILE A 23 28.01 5.26 26.20
N GLU A 24 28.65 6.32 26.68
CA GLU A 24 29.17 7.35 25.77
C GLU A 24 30.32 6.83 24.91
N LYS A 25 30.98 5.77 25.36
CA LYS A 25 32.04 5.15 24.56
C LYS A 25 31.54 4.04 23.63
N SER A 26 30.26 3.72 23.71
CA SER A 26 29.73 2.54 23.02
C SER A 26 29.42 2.79 21.55
N GLU A 27 29.43 1.71 20.77
CA GLU A 27 29.13 1.79 19.34
C GLU A 27 27.70 2.26 19.10
N ASP A 28 26.75 1.73 19.88
CA ASP A 28 25.36 2.11 19.71
C ASP A 28 25.16 3.61 19.95
N TRP A 29 25.80 4.15 20.99
CA TRP A 29 25.65 5.58 21.26
C TRP A 29 26.31 6.41 20.15
N ARG A 30 27.42 5.91 19.61
CA ARG A 30 28.08 6.60 18.53
C ARG A 30 27.17 6.72 17.31
N GLN A 31 26.50 5.63 16.97
CA GLN A 31 25.59 5.63 15.82
C GLN A 31 24.36 6.48 16.08
N PHE A 32 23.75 6.33 17.25
CA PHE A 32 22.60 7.12 17.63
C PHE A 32 22.93 8.62 17.63
N SER A 33 24.09 8.98 18.17
CA SER A 33 24.50 10.39 18.20
CA SER A 33 24.51 10.39 18.20
C SER A 33 24.70 10.94 16.80
N ARG A 34 25.33 10.17 15.92
CA ARG A 34 25.51 10.59 14.53
C ARG A 34 24.15 10.85 13.85
N ARG A 35 23.23 9.91 14.03
CA ARG A 35 21.93 10.01 13.38
C ARG A 35 21.09 11.15 13.98
N MET A 36 21.25 11.40 15.27
CA MET A 36 20.65 12.60 15.87
C MET A 36 21.15 13.86 15.21
N HIS A 37 22.47 13.98 15.04
CA HIS A 37 23.04 15.14 14.36
C HIS A 37 22.41 15.34 12.96
N THR A 38 22.29 14.26 12.20
CA THR A 38 21.84 14.35 10.82
C THR A 38 20.33 14.59 10.74
N HIS A 39 19.57 13.91 11.60
CA HIS A 39 18.13 13.85 11.38
C HIS A 39 17.26 14.59 12.41
N PHE A 40 17.81 14.91 13.58
CA PHE A 40 16.99 15.62 14.56
C PHE A 40 16.46 16.98 14.06
N PRO A 41 17.28 17.78 13.35
CA PRO A 41 16.71 19.06 12.88
C PRO A 41 15.42 18.90 12.07
N LYS A 42 15.31 17.83 11.28
CA LYS A 42 14.06 17.57 10.56
C LYS A 42 12.93 17.26 11.53
N LEU A 43 13.20 16.39 12.50
CA LEU A 43 12.18 16.01 13.48
C LEU A 43 11.66 17.24 14.20
N MET A 44 12.58 18.08 14.65
CA MET A 44 12.21 19.29 15.37
C MET A 44 11.42 20.24 14.48
N ASN A 45 11.88 20.43 13.24
CA ASN A 45 11.22 21.36 12.36
C ASN A 45 9.79 20.92 12.06
N GLU A 46 9.63 19.63 11.80
CA GLU A 46 8.28 19.13 11.46
C GLU A 46 7.36 19.25 12.66
N LEU A 47 7.85 18.86 13.84
CA LEU A 47 7.00 18.93 15.02
C LEU A 47 6.68 20.39 15.36
N ASP A 48 7.65 21.29 15.17
CA ASP A 48 7.39 22.69 15.43
C ASP A 48 6.29 23.22 14.49
N SER A 49 6.31 22.76 13.23
CA SER A 49 5.34 23.28 12.27
C SER A 49 3.92 22.88 12.64
N VAL A 50 3.79 21.76 13.34
CA VAL A 50 2.47 21.26 13.73
C VAL A 50 2.05 21.77 15.10
N TYR A 51 2.94 21.69 16.09
CA TYR A 51 2.52 21.96 17.46
C TYR A 51 2.93 23.35 17.95
N GLY A 52 3.83 24.00 17.22
CA GLY A 52 4.26 25.35 17.56
C GLY A 52 4.79 25.50 18.97
N ASN A 53 4.29 26.50 19.69
CA ASN A 53 4.74 26.75 21.05
C ASN A 53 3.93 26.03 22.13
N ASN A 54 3.32 24.89 21.75
CA ASN A 54 2.58 24.07 22.70
C ASN A 54 3.46 23.72 23.92
N GLU A 55 2.94 23.95 25.12
CA GLU A 55 3.72 23.66 26.34
C GLU A 55 4.21 22.22 26.38
N ALA A 56 3.45 21.33 25.76
CA ALA A 56 3.73 19.91 25.86
C ALA A 56 4.77 19.45 24.84
N LEU A 57 5.12 20.30 23.88
CA LEU A 57 6.01 19.85 22.80
C LEU A 57 7.37 19.42 23.33
N LEU A 58 8.02 20.25 24.14
CA LEU A 58 9.38 19.91 24.59
C LEU A 58 9.37 18.70 25.53
N PRO A 59 8.47 18.66 26.54
CA PRO A 59 8.41 17.44 27.36
C PRO A 59 8.12 16.17 26.56
N MET A 60 7.23 16.27 25.57
CA MET A 60 6.92 15.11 24.75
C MET A 60 8.13 14.67 23.95
N LEU A 61 8.82 15.64 23.38
CA LEU A 61 9.98 15.36 22.54
C LEU A 61 11.08 14.69 23.34
N GLU A 62 11.32 15.17 24.56
CA GLU A 62 12.36 14.57 25.37
C GLU A 62 11.98 13.16 25.78
N MET A 63 10.71 12.94 26.09
CA MET A 63 10.22 11.59 26.41
C MET A 63 10.41 10.67 25.22
N LEU A 64 10.07 11.19 24.05
CA LEU A 64 10.17 10.43 22.80
C LEU A 64 11.61 10.06 22.48
N LEU A 65 12.52 11.01 22.66
CA LEU A 65 13.93 10.74 22.32
C LEU A 65 14.55 9.76 23.31
N ALA A 66 14.12 9.83 24.58
CA ALA A 66 14.59 8.87 25.58
C ALA A 66 14.13 7.47 25.19
N GLN A 67 12.89 7.34 24.72
CA GLN A 67 12.36 6.07 24.23
C GLN A 67 13.08 5.60 22.98
N ALA A 68 13.42 6.55 22.10
CA ALA A 68 14.11 6.23 20.87
C ALA A 68 15.50 5.66 21.17
N TRP A 69 16.18 6.21 22.17
CA TRP A 69 17.49 5.68 22.54
C TRP A 69 17.35 4.29 23.15
N GLN A 70 16.42 4.09 24.08
CA GLN A 70 16.23 2.77 24.67
C GLN A 70 15.90 1.76 23.57
N SER A 71 15.04 2.15 22.65
CA SER A 71 14.64 1.28 21.57
C SER A 71 15.84 0.92 20.68
N TYR A 72 16.66 1.90 20.32
CA TYR A 72 17.79 1.59 19.45
C TYR A 72 18.81 0.73 20.21
N SER A 73 19.01 1.02 21.50
CA SER A 73 19.93 0.25 22.33
C SER A 73 19.54 -1.22 22.37
N GLN A 74 18.24 -1.47 22.53
CA GLN A 74 17.69 -2.82 22.60
C GLN A 74 17.64 -3.55 21.27
N ARG A 75 17.60 -2.77 20.19
CA ARG A 75 17.45 -3.31 18.84
C ARG A 75 18.50 -4.37 18.52
N ASN A 76 18.05 -5.49 17.97
CA ASN A 76 18.94 -6.61 17.65
C ASN A 76 20.05 -6.24 16.67
N SER A 77 21.25 -6.78 16.89
CA SER A 77 22.41 -6.42 16.07
C SER A 77 22.24 -6.76 14.59
N SER A 78 21.50 -7.84 14.30
CA SER A 78 21.24 -8.19 12.90
C SER A 78 20.40 -7.11 12.24
N LEU A 79 19.47 -6.52 12.98
CA LEU A 79 18.65 -5.43 12.45
C LEU A 79 19.50 -4.17 12.27
N LYS A 80 20.43 -3.94 13.19
CA LYS A 80 21.34 -2.81 13.07
C LYS A 80 22.21 -2.92 11.83
N ASP A 81 22.49 -4.14 11.39
CA ASP A 81 23.23 -4.32 10.14
C ASP A 81 22.37 -3.94 8.93
N ILE A 82 21.07 -4.25 8.99
CA ILE A 82 20.17 -3.84 7.91
C ILE A 82 20.03 -2.31 7.92
N ASP A 83 19.99 -1.72 9.11
CA ASP A 83 19.96 -0.25 9.24
C ASP A 83 21.09 0.40 8.44
N ILE A 84 22.31 -0.07 8.69
CA ILE A 84 23.49 0.45 8.02
C ILE A 84 23.44 0.20 6.52
N ALA A 85 22.97 -0.99 6.12
CA ALA A 85 22.95 -1.34 4.72
C ALA A 85 22.02 -0.41 3.96
N ARG A 86 20.86 -0.13 4.53
CA ARG A 86 19.87 0.69 3.84
C ARG A 86 20.18 2.17 3.96
N GLU A 87 20.74 2.58 5.09
CA GLU A 87 21.23 3.93 5.25
C GLU A 87 22.21 4.28 4.13
N ASN A 88 22.95 3.30 3.63
CA ASN A 88 23.91 3.55 2.57
C ASN A 88 23.48 3.00 1.20
N ASN A 89 22.20 2.63 1.10
CA ASN A 89 21.62 2.14 -0.15
C ASN A 89 20.14 2.54 -0.21
N PRO A 90 19.89 3.85 -0.28
CA PRO A 90 18.50 4.32 -0.27
C PRO A 90 17.66 3.79 -1.43
N ASP A 91 18.29 3.34 -2.50
CA ASP A 91 17.51 2.91 -3.66
C ASP A 91 17.24 1.41 -3.68
N TRP A 92 17.41 0.74 -2.54
CA TRP A 92 17.12 -0.70 -2.50
C TRP A 92 15.68 -0.99 -2.94
N ILE A 93 14.77 -0.06 -2.64
CA ILE A 93 13.35 -0.17 -3.00
C ILE A 93 13.10 -0.12 -4.50
N LEU A 94 14.08 0.38 -5.26
CA LEU A 94 13.92 0.62 -6.68
C LEU A 94 14.51 -0.49 -7.53
N SER A 95 15.16 -1.46 -6.88
CA SER A 95 15.80 -2.55 -7.58
C SER A 95 14.79 -3.43 -8.32
N ASN A 96 15.12 -3.82 -9.55
CA ASN A 96 14.26 -4.76 -10.27
C ASN A 96 14.23 -6.12 -9.58
N LYS A 97 15.16 -6.37 -8.65
CA LYS A 97 15.15 -7.64 -7.93
C LYS A 97 13.92 -7.78 -7.02
N GLN A 98 13.29 -6.66 -6.64
CA GLN A 98 12.17 -6.69 -5.69
C GLN A 98 10.85 -7.07 -6.37
N VAL A 99 10.16 -8.05 -5.79
CA VAL A 99 8.78 -8.39 -6.16
C VAL A 99 8.02 -8.74 -4.89
N GLY A 100 6.87 -8.11 -4.68
CA GLY A 100 6.13 -8.32 -3.45
C GLY A 100 4.85 -9.12 -3.61
N GLY A 101 4.39 -9.69 -2.51
CA GLY A 101 3.08 -10.31 -2.46
C GLY A 101 2.38 -9.87 -1.18
N VAL A 102 1.05 -9.98 -1.15
CA VAL A 102 0.29 -9.67 0.07
C VAL A 102 -0.73 -10.76 0.31
N CYS A 103 -0.91 -11.14 1.59
CA CYS A 103 -1.97 -12.09 1.92
C CYS A 103 -2.45 -11.89 3.35
N TYR A 104 -3.66 -12.40 3.60
CA TYR A 104 -4.17 -12.58 4.97
C TYR A 104 -3.59 -13.87 5.54
N VAL A 105 -3.06 -13.80 6.75
CA VAL A 105 -2.51 -14.99 7.37
C VAL A 105 -3.58 -16.08 7.56
N ASP A 106 -4.76 -15.71 8.03
CA ASP A 106 -5.79 -16.71 8.26
C ASP A 106 -6.33 -17.27 6.95
N LEU A 107 -6.66 -16.40 6.01
CA LEU A 107 -7.24 -16.86 4.75
C LEU A 107 -6.26 -17.68 3.93
N PHE A 108 -5.01 -17.23 3.87
CA PHE A 108 -4.03 -17.89 3.01
C PHE A 108 -3.39 -19.11 3.67
N ALA A 109 -3.24 -19.09 5.00
CA ALA A 109 -2.44 -20.14 5.62
C ALA A 109 -2.92 -20.60 7.00
N GLY A 110 -4.11 -20.18 7.41
CA GLY A 110 -4.67 -20.58 8.68
C GLY A 110 -4.19 -19.78 9.87
N ASP A 111 -2.89 -19.88 10.16
CA ASP A 111 -2.30 -19.14 11.27
C ASP A 111 -0.84 -18.87 10.98
N LEU A 112 -0.14 -18.25 11.93
CA LEU A 112 1.24 -17.84 11.69
C LEU A 112 2.18 -19.02 11.44
N LYS A 113 1.97 -20.12 12.17
CA LYS A 113 2.78 -21.32 11.94
C LYS A 113 2.53 -21.86 10.54
N GLY A 114 1.26 -21.83 10.10
CA GLY A 114 0.93 -22.23 8.75
C GLY A 114 1.56 -21.32 7.73
N LEU A 115 1.62 -20.03 8.03
CA LEU A 115 2.25 -19.06 7.13
C LEU A 115 3.74 -19.36 7.00
N LYS A 116 4.39 -19.67 8.10
CA LYS A 116 5.79 -20.00 8.07
C LYS A 116 6.02 -21.21 7.16
N ASP A 117 5.05 -22.12 7.15
CA ASP A 117 5.14 -23.31 6.29
C ASP A 117 4.94 -22.99 4.80
N LYS A 118 4.43 -21.80 4.48
CA LYS A 118 4.23 -21.40 3.08
C LYS A 118 5.41 -20.59 2.53
N ILE A 119 6.37 -20.28 3.40
CA ILE A 119 7.53 -19.49 2.96
C ILE A 119 8.30 -20.16 1.80
N PRO A 120 8.45 -21.51 1.80
CA PRO A 120 9.08 -22.07 0.59
C PRO A 120 8.32 -21.77 -0.69
N TYR A 121 6.98 -21.71 -0.64
CA TYR A 121 6.23 -21.34 -1.84
C TYR A 121 6.54 -19.90 -2.21
N PHE A 122 6.64 -19.02 -1.22
CA PHE A 122 6.95 -17.63 -1.52
C PHE A 122 8.30 -17.52 -2.21
N GLN A 123 9.26 -18.34 -1.80
CA GLN A 123 10.57 -18.37 -2.44
C GLN A 123 10.47 -18.92 -3.85
N GLU A 124 9.64 -19.94 -4.01
CA GLU A 124 9.39 -20.56 -5.31
C GLU A 124 8.83 -19.55 -6.29
N LEU A 125 7.92 -18.71 -5.81
CA LEU A 125 7.29 -17.67 -6.61
C LEU A 125 8.26 -16.53 -6.91
N GLY A 126 9.29 -16.38 -6.08
CA GLY A 126 10.29 -15.34 -6.25
C GLY A 126 10.07 -14.07 -5.44
N LEU A 127 9.20 -14.14 -4.44
CA LEU A 127 8.94 -12.96 -3.61
C LEU A 127 10.17 -12.52 -2.81
N THR A 128 10.29 -11.21 -2.63
CA THR A 128 11.35 -10.60 -1.82
C THR A 128 10.72 -9.69 -0.77
N TYR A 129 9.40 -9.70 -0.70
CA TYR A 129 8.62 -8.69 0.03
C TYR A 129 7.27 -9.36 0.31
N LEU A 130 6.85 -9.38 1.57
CA LEU A 130 5.58 -10.00 1.92
C LEU A 130 4.82 -9.11 2.89
N HIS A 131 3.69 -8.61 2.44
CA HIS A 131 2.80 -7.86 3.32
C HIS A 131 1.80 -8.82 3.95
N LEU A 132 1.81 -8.89 5.28
CA LEU A 132 0.82 -9.66 6.02
C LEU A 132 -0.27 -8.71 6.52
N MET A 133 -1.52 -9.06 6.26
CA MET A 133 -2.66 -8.23 6.64
C MET A 133 -2.79 -8.15 8.17
N PRO A 134 -3.57 -7.17 8.68
CA PRO A 134 -3.52 -6.86 10.11
C PRO A 134 -3.58 -8.07 11.05
N LEU A 135 -2.58 -8.12 11.93
CA LEU A 135 -2.24 -9.31 12.72
C LEU A 135 -2.66 -9.24 14.17
N PHE A 136 -2.97 -8.06 14.64
CA PHE A 136 -3.09 -7.87 16.07
C PHE A 136 -4.53 -7.88 16.54
N LYS A 137 -4.68 -7.95 17.86
CA LYS A 137 -5.97 -8.13 18.48
C LYS A 137 -7.00 -7.09 18.02
N CYS A 138 -8.22 -7.54 17.78
CA CYS A 138 -9.25 -6.68 17.23
C CYS A 138 -10.62 -7.19 17.66
N PRO A 139 -11.68 -6.37 17.47
CA PRO A 139 -12.99 -6.84 17.94
C PRO A 139 -13.45 -8.15 17.33
N GLU A 140 -14.18 -8.94 18.11
N GLU A 140 -14.18 -8.95 18.11
CA GLU A 140 -14.80 -10.16 17.60
CA GLU A 140 -14.80 -10.17 17.59
C GLU A 140 -15.88 -9.80 16.59
C GLU A 140 -15.88 -9.80 16.59
N GLY A 141 -16.00 -10.59 15.54
CA GLY A 141 -17.03 -10.37 14.54
C GLY A 141 -16.62 -9.33 13.52
N LYS A 142 -17.03 -8.08 13.73
CA LYS A 142 -16.72 -7.00 12.79
C LYS A 142 -15.52 -6.17 13.26
N SER A 143 -14.47 -6.15 12.45
CA SER A 143 -13.27 -5.40 12.78
C SER A 143 -12.65 -4.72 11.55
N ASP A 144 -13.45 -4.60 10.48
CA ASP A 144 -12.92 -4.12 9.19
C ASP A 144 -11.73 -4.96 8.78
N GLY A 145 -11.86 -6.28 8.90
CA GLY A 145 -10.83 -7.20 8.46
C GLY A 145 -9.52 -6.96 9.20
N GLY A 146 -9.62 -6.68 10.48
CA GLY A 146 -8.45 -6.44 11.32
C GLY A 146 -8.02 -4.98 11.43
N TYR A 147 -8.64 -4.09 10.66
CA TYR A 147 -8.19 -2.69 10.65
C TYR A 147 -8.76 -1.86 11.79
N ALA A 148 -9.58 -2.47 12.65
CA ALA A 148 -9.96 -1.83 13.91
C ALA A 148 -9.13 -2.48 15.01
N VAL A 149 -8.07 -1.81 15.43
CA VAL A 149 -7.09 -2.43 16.32
C VAL A 149 -7.38 -2.20 17.79
N SER A 150 -7.44 -3.29 18.56
CA SER A 150 -7.71 -3.18 19.99
C SER A 150 -6.44 -3.23 20.83
N SER A 151 -5.37 -3.75 20.23
CA SER A 151 -4.05 -3.73 20.84
C SER A 151 -2.98 -3.77 19.78
N TYR A 152 -2.02 -2.86 19.86
CA TYR A 152 -0.91 -2.83 18.91
C TYR A 152 0.18 -3.84 19.26
N ARG A 153 0.07 -4.47 20.43
CA ARG A 153 1.12 -5.35 20.95
C ARG A 153 0.72 -6.82 20.98
N ASP A 154 -0.56 -7.08 21.20
CA ASP A 154 -1.04 -8.45 21.39
C ASP A 154 -1.55 -9.02 20.07
N VAL A 155 -0.95 -10.12 19.63
CA VAL A 155 -1.35 -10.76 18.39
C VAL A 155 -2.76 -11.35 18.52
N ASN A 156 -3.54 -11.25 17.44
CA ASN A 156 -4.82 -11.95 17.37
C ASN A 156 -4.62 -13.44 17.68
N PRO A 157 -5.22 -13.93 18.78
CA PRO A 157 -4.88 -15.30 19.18
C PRO A 157 -5.31 -16.37 18.17
N ALA A 158 -6.23 -16.05 17.26
CA ALA A 158 -6.59 -16.96 16.18
C ALA A 158 -5.38 -17.19 15.27
N LEU A 159 -4.47 -16.22 15.22
CA LEU A 159 -3.31 -16.30 14.34
C LEU A 159 -2.09 -16.89 15.04
N GLY A 160 -2.09 -16.81 16.37
CA GLY A 160 -0.95 -17.28 17.13
C GLY A 160 -0.49 -16.29 18.18
N THR A 161 0.81 -16.32 18.49
CA THR A 161 1.37 -15.48 19.54
C THR A 161 2.39 -14.50 18.98
N ILE A 162 2.80 -13.56 19.81
CA ILE A 162 3.85 -12.62 19.41
C ILE A 162 5.14 -13.40 19.12
N GLY A 163 5.34 -14.52 19.83
CA GLY A 163 6.46 -15.40 19.57
C GLY A 163 6.38 -16.05 18.20
N ASP A 164 5.18 -16.41 17.77
CA ASP A 164 4.97 -16.96 16.44
C ASP A 164 5.33 -15.91 15.38
N LEU A 165 4.94 -14.66 15.63
CA LEU A 165 5.21 -13.59 14.70
C LEU A 165 6.72 -13.37 14.58
N ARG A 166 7.42 -13.43 15.71
CA ARG A 166 8.87 -13.30 15.67
C ARG A 166 9.53 -14.39 14.85
N GLU A 167 9.03 -15.63 14.98
CA GLU A 167 9.58 -16.73 14.20
C GLU A 167 9.31 -16.53 12.71
N VAL A 168 8.13 -15.99 12.39
CA VAL A 168 7.78 -15.74 10.98
C VAL A 168 8.71 -14.70 10.37
N ILE A 169 8.93 -13.60 11.08
CA ILE A 169 9.74 -12.52 10.55
C ILE A 169 11.17 -13.00 10.36
N ALA A 170 11.69 -13.74 11.34
CA ALA A 170 13.05 -14.29 11.20
C ALA A 170 13.14 -15.26 10.02
N ALA A 171 12.10 -16.07 9.83
CA ALA A 171 12.06 -17.04 8.74
C ALA A 171 11.93 -16.35 7.38
N LEU A 172 11.14 -15.28 7.33
CA LEU A 172 11.10 -14.47 6.11
C LEU A 172 12.48 -13.91 5.77
N HIS A 173 13.15 -13.31 6.76
CA HIS A 173 14.47 -12.74 6.51
C HIS A 173 15.46 -13.79 6.06
N GLU A 174 15.38 -14.97 6.67
CA GLU A 174 16.26 -16.07 6.30
C GLU A 174 16.07 -16.44 4.84
N ALA A 175 14.84 -16.29 4.37
CA ALA A 175 14.47 -16.67 3.00
C ALA A 175 14.64 -15.52 2.02
N GLY A 176 15.15 -14.39 2.50
CA GLY A 176 15.41 -13.25 1.63
C GLY A 176 14.16 -12.45 1.35
N ILE A 177 13.26 -12.39 2.32
CA ILE A 177 11.97 -11.72 2.15
C ILE A 177 11.77 -10.65 3.21
N SER A 178 11.49 -9.42 2.78
CA SER A 178 11.16 -8.35 3.72
C SER A 178 9.78 -8.55 4.33
N ALA A 179 9.66 -8.23 5.62
CA ALA A 179 8.40 -8.34 6.34
C ALA A 179 7.70 -6.98 6.32
N VAL A 180 6.48 -6.95 5.81
CA VAL A 180 5.72 -5.71 5.66
C VAL A 180 4.41 -5.84 6.43
N VAL A 181 4.13 -4.90 7.33
CA VAL A 181 2.89 -4.96 8.10
C VAL A 181 2.25 -3.58 8.18
N ASP A 182 1.00 -3.54 8.58
CA ASP A 182 0.25 -2.29 8.67
C ASP A 182 0.59 -1.50 9.91
N PHE A 183 0.72 -0.18 9.73
CA PHE A 183 0.78 0.78 10.82
C PHE A 183 -0.54 1.54 10.78
N ILE A 184 -1.46 1.10 11.63
CA ILE A 184 -2.82 1.62 11.57
C ILE A 184 -2.92 2.77 12.56
N PHE A 185 -2.46 3.92 12.12
CA PHE A 185 -2.13 5.01 13.02
C PHE A 185 -3.15 6.15 12.97
N ASN A 186 -4.16 6.05 12.11
CA ASN A 186 -5.17 7.11 12.10
C ASN A 186 -6.26 6.87 13.12
N HIS A 187 -6.43 5.62 13.54
CA HIS A 187 -7.58 5.25 14.38
C HIS A 187 -7.32 3.94 15.09
N THR A 188 -8.02 3.75 16.21
CA THR A 188 -8.03 2.46 16.90
C THR A 188 -9.45 1.92 16.89
N SER A 189 -9.63 0.69 17.36
CA SER A 189 -10.98 0.20 17.60
C SER A 189 -11.54 0.90 18.83
N ASN A 190 -12.87 0.83 18.97
CA ASN A 190 -13.54 1.40 20.13
C ASN A 190 -13.33 0.55 21.37
N GLU A 191 -12.67 -0.60 21.21
CA GLU A 191 -12.42 -1.50 22.34
C GLU A 191 -10.98 -1.39 22.83
N HIS A 192 -10.18 -0.60 22.12
CA HIS A 192 -8.80 -0.33 22.55
C HIS A 192 -8.84 0.31 23.92
N GLU A 193 -7.91 -0.06 24.80
CA GLU A 193 -7.86 0.55 26.13
C GLU A 193 -7.79 2.07 26.09
N TRP A 194 -7.05 2.64 25.12
CA TRP A 194 -6.97 4.09 25.04
C TRP A 194 -8.33 4.70 24.79
N ALA A 195 -9.14 4.04 23.96
CA ALA A 195 -10.45 4.54 23.59
C ALA A 195 -11.41 4.42 24.77
N GLN A 196 -11.40 3.27 25.42
CA GLN A 196 -12.25 3.07 26.60
C GLN A 196 -11.91 4.07 27.69
N ARG A 197 -10.62 4.22 27.97
CA ARG A 197 -10.20 5.10 29.05
C ARG A 197 -10.43 6.56 28.69
N CYS A 198 -10.22 6.93 27.43
CA CYS A 198 -10.54 8.28 27.01
C CYS A 198 -12.03 8.59 27.20
N ALA A 199 -12.89 7.71 26.71
CA ALA A 199 -14.33 7.92 26.80
C ALA A 199 -14.79 7.93 28.26
N ALA A 200 -14.13 7.13 29.09
CA ALA A 200 -14.49 7.02 30.51
C ALA A 200 -14.01 8.22 31.33
N GLY A 201 -13.26 9.12 30.70
CA GLY A 201 -12.81 10.32 31.38
C GLY A 201 -11.47 10.20 32.11
N ASP A 202 -10.71 9.14 31.81
CA ASP A 202 -9.38 8.99 32.36
C ASP A 202 -8.52 10.18 31.91
N PRO A 203 -8.04 10.99 32.87
CA PRO A 203 -7.30 12.19 32.47
C PRO A 203 -6.02 11.88 31.69
N LEU A 204 -5.49 10.67 31.85
CA LEU A 204 -4.27 10.28 31.15
C LEU A 204 -4.53 10.13 29.66
N PHE A 205 -5.79 9.89 29.30
CA PHE A 205 -6.11 9.73 27.88
C PHE A 205 -7.01 10.84 27.40
N ASP A 206 -6.96 11.97 28.10
CA ASP A 206 -7.72 13.13 27.69
C ASP A 206 -7.28 13.54 26.30
N ASN A 207 -8.26 13.86 25.46
CA ASN A 207 -8.00 14.37 24.13
C ASN A 207 -7.18 13.40 23.27
N PHE A 208 -7.36 12.10 23.49
CA PHE A 208 -6.76 11.10 22.58
C PHE A 208 -7.60 10.86 21.34
N TYR A 209 -8.87 11.25 21.37
CA TYR A 209 -9.80 11.13 20.25
C TYR A 209 -10.54 12.45 20.08
N TYR A 210 -11.47 12.50 19.13
CA TYR A 210 -12.31 13.68 18.90
C TYR A 210 -13.72 13.37 19.33
N ILE A 211 -14.09 13.82 20.53
CA ILE A 211 -15.41 13.55 21.08
C ILE A 211 -16.16 14.85 21.34
N PHE A 212 -17.42 14.90 20.90
CA PHE A 212 -18.24 16.09 20.93
C PHE A 212 -19.52 15.86 21.74
N PRO A 213 -20.06 16.91 22.35
CA PRO A 213 -21.22 16.77 23.22
C PRO A 213 -22.53 16.56 22.45
N ASP A 214 -22.55 16.96 21.19
CA ASP A 214 -23.75 16.94 20.38
C ASP A 214 -23.40 17.04 18.92
N ARG A 215 -24.39 17.30 18.07
CA ARG A 215 -24.14 17.35 16.64
C ARG A 215 -23.65 18.71 16.13
N ARG A 216 -23.43 19.69 17.00
CA ARG A 216 -23.11 21.05 16.52
C ARG A 216 -21.82 21.09 15.70
N MET A 217 -20.73 20.61 16.28
CA MET A 217 -19.50 20.53 15.51
C MET A 217 -19.52 19.41 14.45
N PRO A 218 -20.02 18.21 14.79
CA PRO A 218 -20.15 17.20 13.71
C PRO A 218 -20.92 17.70 12.49
N ASP A 219 -22.00 18.45 12.68
CA ASP A 219 -22.73 18.99 11.51
C ASP A 219 -21.85 19.94 10.70
N GLN A 220 -21.11 20.81 11.40
CA GLN A 220 -20.24 21.75 10.73
C GLN A 220 -19.14 21.05 9.93
N TYR A 221 -18.49 20.05 10.55
CA TYR A 221 -17.45 19.29 9.87
C TYR A 221 -18.00 18.57 8.65
N ASP A 222 -19.19 17.97 8.80
CA ASP A 222 -19.79 17.15 7.75
C ASP A 222 -20.11 17.93 6.48
N ARG A 223 -20.13 19.26 6.55
CA ARG A 223 -20.30 20.08 5.34
C ARG A 223 -19.22 19.79 4.30
N THR A 224 -18.04 19.35 4.75
CA THR A 224 -16.92 19.21 3.84
C THR A 224 -16.25 17.84 3.88
N LEU A 225 -16.79 16.90 4.64
CA LEU A 225 -16.18 15.57 4.72
C LEU A 225 -16.68 14.62 3.65
N ARG A 226 -15.74 13.89 3.07
CA ARG A 226 -16.04 12.80 2.15
C ARG A 226 -16.51 11.57 2.93
N GLU A 227 -17.47 10.84 2.39
CA GLU A 227 -17.92 9.60 3.02
C GLU A 227 -17.17 8.39 2.46
N ILE A 228 -16.44 7.70 3.32
CA ILE A 228 -15.68 6.54 2.89
C ILE A 228 -16.55 5.29 2.87
N PHE A 229 -17.33 5.06 3.93
CA PHE A 229 -18.28 3.94 3.93
C PHE A 229 -19.70 4.47 4.17
N PRO A 230 -20.29 5.12 3.16
CA PRO A 230 -21.63 5.70 3.29
C PRO A 230 -22.71 4.66 3.66
N ASP A 231 -22.51 3.40 3.30
CA ASP A 231 -23.41 2.32 3.75
C ASP A 231 -23.51 2.27 5.29
N GLN A 232 -22.42 2.59 5.97
CA GLN A 232 -22.33 2.41 7.42
C GLN A 232 -22.89 3.58 8.23
N HIS A 233 -22.56 4.80 7.81
CA HIS A 233 -23.04 6.01 8.47
C HIS A 233 -22.81 7.21 7.58
N PRO A 234 -23.60 8.27 7.76
CA PRO A 234 -23.36 9.52 7.06
C PRO A 234 -22.18 10.28 7.65
N GLY A 235 -21.54 11.11 6.84
CA GLY A 235 -20.48 12.00 7.30
C GLY A 235 -19.37 11.28 8.03
N GLY A 236 -18.79 11.95 9.01
CA GLY A 236 -17.62 11.40 9.67
C GLY A 236 -17.75 11.07 11.13
N PHE A 237 -18.97 10.98 11.65
CA PHE A 237 -19.17 10.84 13.09
C PHE A 237 -20.17 9.76 13.44
N SER A 238 -20.00 9.18 14.62
CA SER A 238 -20.87 8.14 15.18
C SER A 238 -21.24 8.50 16.60
N GLN A 239 -22.42 8.07 17.04
CA GLN A 239 -22.89 8.40 18.38
C GLN A 239 -22.61 7.29 19.39
N LEU A 240 -22.14 7.69 20.56
CA LEU A 240 -21.90 6.80 21.67
C LEU A 240 -23.22 6.56 22.39
N GLU A 241 -23.24 5.49 23.19
CA GLU A 241 -24.42 5.14 23.98
C GLU A 241 -24.85 6.29 24.88
N ASP A 242 -23.90 7.08 25.36
CA ASP A 242 -24.22 8.17 26.29
C ASP A 242 -24.67 9.43 25.57
N GLY A 243 -24.71 9.40 24.24
CA GLY A 243 -25.23 10.52 23.48
C GLY A 243 -24.21 11.43 22.84
N ARG A 244 -22.95 11.32 23.27
CA ARG A 244 -21.87 12.08 22.66
C ARG A 244 -21.57 11.56 21.26
N TRP A 245 -20.80 12.33 20.50
CA TRP A 245 -20.43 11.95 19.13
C TRP A 245 -18.92 11.89 19.00
N VAL A 246 -18.43 10.87 18.29
CA VAL A 246 -16.99 10.67 18.14
C VAL A 246 -16.64 10.63 16.66
N TRP A 247 -15.45 11.15 16.32
CA TRP A 247 -14.99 11.14 14.94
C TRP A 247 -14.67 9.71 14.51
N THR A 248 -15.36 9.27 13.47
CA THR A 248 -15.20 7.92 12.92
C THR A 248 -15.23 8.02 11.41
N THR A 249 -14.06 8.29 10.82
CA THR A 249 -13.95 8.41 9.37
C THR A 249 -14.41 7.12 8.70
N PHE A 250 -14.07 5.99 9.32
CA PHE A 250 -14.34 4.70 8.73
C PHE A 250 -15.55 4.07 9.42
N ASN A 251 -15.44 2.84 9.90
CA ASN A 251 -16.59 2.26 10.61
C ASN A 251 -16.81 2.91 11.96
N SER A 252 -18.01 2.71 12.51
CA SER A 252 -18.33 3.32 13.80
C SER A 252 -17.45 2.80 14.92
N PHE A 253 -16.89 1.61 14.74
CA PHE A 253 -16.00 1.01 15.74
C PHE A 253 -14.53 1.33 15.51
N GLN A 254 -14.28 2.27 14.59
CA GLN A 254 -12.93 2.80 14.38
C GLN A 254 -12.94 4.30 14.74
N TRP A 255 -12.25 4.64 15.82
CA TRP A 255 -12.26 6.01 16.32
C TRP A 255 -10.97 6.70 15.94
N ASP A 256 -11.07 7.84 15.25
CA ASP A 256 -9.89 8.60 14.81
C ASP A 256 -9.08 9.14 15.99
N LEU A 257 -7.79 8.83 15.98
CA LEU A 257 -6.85 9.33 16.99
C LEU A 257 -6.61 10.82 16.81
N ASN A 258 -6.40 11.53 17.91
CA ASN A 258 -6.32 12.99 17.88
C ASN A 258 -4.88 13.47 17.86
N TYR A 259 -4.33 13.67 16.66
CA TYR A 259 -2.95 14.13 16.56
C TYR A 259 -2.74 15.60 16.90
N SER A 260 -3.80 16.34 17.21
CA SER A 260 -3.57 17.72 17.68
C SER A 260 -3.06 17.69 19.13
N ASN A 261 -3.17 16.52 19.76
CA ASN A 261 -2.54 16.24 21.05
C ASN A 261 -1.17 15.62 20.84
N PRO A 262 -0.09 16.36 21.18
CA PRO A 262 1.26 15.83 20.94
C PRO A 262 1.52 14.50 21.66
N TRP A 263 0.79 14.21 22.73
CA TRP A 263 1.00 12.94 23.42
C TRP A 263 0.49 11.76 22.59
N VAL A 264 -0.39 12.03 21.63
CA VAL A 264 -0.83 10.98 20.71
C VAL A 264 0.27 10.65 19.70
N PHE A 265 0.97 11.69 19.23
CA PHE A 265 2.13 11.43 18.37
C PHE A 265 3.14 10.58 19.14
N ARG A 266 3.41 10.94 20.38
CA ARG A 266 4.36 10.18 21.17
C ARG A 266 3.91 8.72 21.32
N ALA A 267 2.62 8.53 21.60
CA ALA A 267 2.11 7.18 21.82
C ALA A 267 2.30 6.33 20.57
N MET A 268 1.99 6.89 19.41
CA MET A 268 2.08 6.12 18.18
C MET A 268 3.53 5.96 17.71
N ALA A 269 4.38 6.92 18.04
CA ALA A 269 5.80 6.73 17.74
C ALA A 269 6.37 5.57 18.55
N GLY A 270 5.91 5.41 19.80
CA GLY A 270 6.31 4.27 20.60
C GLY A 270 5.83 2.95 20.00
N GLU A 271 4.63 2.97 19.45
CA GLU A 271 4.12 1.79 18.76
C GLU A 271 4.94 1.48 17.52
N MET A 272 5.34 2.53 16.81
CA MET A 272 6.20 2.35 15.62
C MET A 272 7.54 1.72 15.98
N LEU A 273 8.14 2.18 17.08
CA LEU A 273 9.42 1.64 17.54
C LEU A 273 9.28 0.16 17.93
N PHE A 274 8.15 -0.18 18.55
CA PHE A 274 7.88 -1.57 18.88
C PHE A 274 7.86 -2.44 17.63
N LEU A 275 7.16 -1.99 16.60
CA LEU A 275 7.08 -2.76 15.37
C LEU A 275 8.45 -2.84 14.71
N ALA A 276 9.18 -1.73 14.74
CA ALA A 276 10.53 -1.69 14.16
C ALA A 276 11.42 -2.77 14.77
N ASN A 277 11.36 -2.91 16.09
CA ASN A 277 12.27 -3.83 16.73
C ASN A 277 11.82 -5.29 16.63
N LEU A 278 10.62 -5.51 16.08
CA LEU A 278 10.23 -6.86 15.69
C LEU A 278 10.99 -7.27 14.43
N GLY A 279 11.56 -6.29 13.75
CA GLY A 279 12.26 -6.55 12.51
C GLY A 279 11.43 -6.25 11.28
N VAL A 280 10.31 -5.58 11.45
CA VAL A 280 9.50 -5.15 10.29
C VAL A 280 10.35 -4.28 9.37
N ASP A 281 10.27 -4.54 8.06
CA ASP A 281 11.07 -3.81 7.10
C ASP A 281 10.34 -2.60 6.53
N ILE A 282 9.05 -2.75 6.30
CA ILE A 282 8.25 -1.68 5.73
C ILE A 282 6.92 -1.62 6.47
N LEU A 283 6.58 -0.41 6.91
CA LEU A 283 5.28 -0.14 7.51
C LEU A 283 4.34 0.47 6.48
N ARG A 284 3.20 -0.18 6.27
CA ARG A 284 2.14 0.37 5.43
C ARG A 284 1.40 1.42 6.23
N MET A 285 1.53 2.67 5.82
CA MET A 285 0.96 3.78 6.58
C MET A 285 -0.49 3.94 6.15
N ASP A 286 -1.35 3.29 6.92
CA ASP A 286 -2.77 3.19 6.61
C ASP A 286 -3.46 4.53 6.81
N ALA A 287 -4.28 4.92 5.84
CA ALA A 287 -5.08 6.15 5.92
C ALA A 287 -4.26 7.39 6.23
N VAL A 288 -3.12 7.57 5.55
CA VAL A 288 -2.24 8.72 5.80
C VAL A 288 -2.93 10.06 5.68
N ALA A 289 -3.93 10.16 4.81
CA ALA A 289 -4.50 11.45 4.45
C ALA A 289 -5.30 12.09 5.58
N PHE A 290 -5.70 11.28 6.54
CA PHE A 290 -6.75 11.69 7.48
C PHE A 290 -6.25 12.13 8.84
N ILE A 291 -4.94 12.15 9.04
CA ILE A 291 -4.44 12.33 10.40
C ILE A 291 -4.40 13.78 10.91
N TRP A 292 -4.90 14.73 10.11
CA TRP A 292 -5.12 16.09 10.63
C TRP A 292 -6.51 16.59 10.23
N LYS A 293 -7.17 17.24 11.18
CA LYS A 293 -8.51 17.78 10.95
C LYS A 293 -8.49 19.30 11.02
N GLN A 294 -9.31 19.93 10.20
CA GLN A 294 -9.51 21.38 10.30
C GLN A 294 -10.90 21.73 9.76
N MET A 295 -11.69 22.38 10.60
CA MET A 295 -13.01 22.87 10.21
C MET A 295 -12.94 23.64 8.90
N GLY A 296 -13.88 23.39 8.00
CA GLY A 296 -13.95 24.11 6.74
C GLY A 296 -13.16 23.45 5.63
N THR A 297 -12.39 22.41 5.97
CA THR A 297 -11.63 21.67 4.97
C THR A 297 -12.12 20.24 4.86
N SER A 298 -11.59 19.51 3.89
CA SER A 298 -11.92 18.09 3.74
C SER A 298 -11.32 17.21 4.83
N CYS A 299 -10.43 17.79 5.63
CA CYS A 299 -9.73 17.00 6.68
C CYS A 299 -9.02 15.80 6.06
N GLU A 300 -8.54 16.01 4.83
CA GLU A 300 -7.65 15.10 4.13
C GLU A 300 -6.50 15.89 3.54
N ASN A 301 -5.30 15.30 3.56
CA ASN A 301 -4.14 15.85 2.86
C ASN A 301 -3.68 17.20 3.37
N LEU A 302 -4.05 17.54 4.61
CA LEU A 302 -3.67 18.82 5.16
C LEU A 302 -2.14 18.89 5.41
N PRO A 303 -1.57 20.11 5.44
CA PRO A 303 -0.11 20.23 5.57
C PRO A 303 0.44 19.53 6.80
N GLN A 304 -0.31 19.60 7.91
CA GLN A 304 0.15 18.98 9.16
C GLN A 304 0.18 17.46 9.07
N ALA A 305 -0.71 16.87 8.26
CA ALA A 305 -0.67 15.42 8.05
C ALA A 305 0.68 15.04 7.44
N HIS A 306 1.06 15.73 6.39
CA HIS A 306 2.35 15.49 5.76
C HIS A 306 3.51 15.73 6.73
N ALA A 307 3.44 16.78 7.52
CA ALA A 307 4.51 17.11 8.45
C ALA A 307 4.68 16.02 9.53
N LEU A 308 3.56 15.51 10.04
CA LEU A 308 3.60 14.44 11.03
C LEU A 308 4.20 13.15 10.45
N ILE A 309 3.91 12.85 9.19
CA ILE A 309 4.49 11.66 8.59
C ILE A 309 6.00 11.87 8.42
N ARG A 310 6.40 13.10 8.08
CA ARG A 310 7.82 13.38 7.96
C ARG A 310 8.48 13.32 9.34
N ALA A 311 7.74 13.65 10.39
CA ALA A 311 8.27 13.54 11.74
C ALA A 311 8.48 12.07 12.08
N PHE A 312 7.49 11.21 11.79
CA PHE A 312 7.66 9.77 11.96
C PHE A 312 8.89 9.25 11.19
N ASN A 313 9.06 9.74 9.98
CA ASN A 313 10.18 9.33 9.15
C ASN A 313 11.50 9.61 9.86
N ALA A 314 11.62 10.81 10.42
CA ALA A 314 12.85 11.18 11.13
C ALA A 314 13.10 10.26 12.33
N VAL A 315 12.05 9.87 13.04
CA VAL A 315 12.22 8.96 14.19
C VAL A 315 12.87 7.64 13.73
N MET A 316 12.44 7.12 12.59
CA MET A 316 13.07 5.91 12.04
C MET A 316 14.51 6.15 11.59
N ARG A 317 14.79 7.30 10.98
CA ARG A 317 16.18 7.59 10.60
C ARG A 317 17.09 7.63 11.83
N ILE A 318 16.53 7.96 12.97
CA ILE A 318 17.30 8.07 14.21
C ILE A 318 17.44 6.72 14.90
N ALA A 319 16.34 5.98 14.99
CA ALA A 319 16.30 4.81 15.87
C ALA A 319 16.02 3.45 15.18
N ALA A 320 15.70 3.45 13.89
CA ALA A 320 15.56 2.20 13.13
C ALA A 320 15.64 2.47 11.62
N PRO A 321 16.83 2.84 11.12
CA PRO A 321 16.98 3.27 9.73
C PRO A 321 16.50 2.27 8.69
N ALA A 322 16.46 0.97 9.01
CA ALA A 322 16.00 -0.03 8.05
C ALA A 322 14.53 0.11 7.70
N VAL A 323 13.77 0.79 8.55
CA VAL A 323 12.31 0.78 8.43
C VAL A 323 11.83 1.86 7.45
N PHE A 324 11.27 1.41 6.33
CA PHE A 324 10.72 2.30 5.31
C PHE A 324 9.19 2.33 5.43
N PHE A 325 8.58 3.35 4.82
CA PHE A 325 7.13 3.57 4.85
C PHE A 325 6.52 3.37 3.48
N LYS A 326 5.35 2.74 3.44
CA LYS A 326 4.56 2.63 2.21
C LYS A 326 3.26 3.40 2.41
N SER A 327 3.08 4.50 1.68
CA SER A 327 1.87 5.31 1.89
C SER A 327 0.65 4.67 1.23
N GLU A 328 -0.46 4.68 1.97
CA GLU A 328 -1.78 4.35 1.42
C GLU A 328 -2.56 5.64 1.29
N ALA A 329 -2.48 6.24 0.10
CA ALA A 329 -3.28 7.39 -0.25
C ALA A 329 -4.03 7.03 -1.52
N ILE A 330 -5.34 6.88 -1.38
CA ILE A 330 -6.18 6.46 -2.50
C ILE A 330 -7.11 7.63 -2.82
N ASP A 331 -6.70 8.45 -3.78
CA ASP A 331 -7.27 9.79 -3.92
C ASP A 331 -6.91 10.33 -5.29
N HIS A 332 -7.24 11.59 -5.52
CA HIS A 332 -6.80 12.31 -6.71
C HIS A 332 -5.28 12.20 -6.86
N PRO A 333 -4.79 11.95 -8.08
CA PRO A 333 -3.33 11.74 -8.23
C PRO A 333 -2.50 12.95 -7.81
N ASP A 334 -3.03 14.16 -7.86
CA ASP A 334 -2.25 15.32 -7.39
C ASP A 334 -1.94 15.18 -5.89
N GLN A 335 -2.83 14.51 -5.16
CA GLN A 335 -2.64 14.36 -3.71
C GLN A 335 -1.89 13.09 -3.36
N VAL A 336 -2.10 12.03 -4.13
CA VAL A 336 -1.40 10.77 -3.91
C VAL A 336 0.12 10.97 -3.89
N VAL A 337 0.61 11.71 -4.87
CA VAL A 337 2.05 11.76 -5.09
C VAL A 337 2.76 12.59 -4.02
N GLN A 338 2.01 13.44 -3.31
CA GLN A 338 2.63 14.32 -2.32
C GLN A 338 3.15 13.56 -1.08
N TYR A 339 2.67 12.35 -0.85
CA TYR A 339 3.14 11.56 0.28
C TYR A 339 4.45 10.86 0.02
N ILE A 340 4.83 10.82 -1.25
CA ILE A 340 6.01 10.08 -1.64
C ILE A 340 7.24 10.98 -1.67
N GLY A 341 8.19 10.68 -0.79
CA GLY A 341 9.41 11.45 -0.71
C GLY A 341 10.39 10.71 0.18
N GLN A 342 11.68 10.90 -0.05
CA GLN A 342 12.66 10.20 0.76
C GLN A 342 12.47 10.51 2.25
N ASP A 343 12.03 11.73 2.55
CA ASP A 343 11.86 12.14 3.94
C ASP A 343 10.41 11.98 4.44
N GLU A 344 9.54 11.42 3.59
CA GLU A 344 8.15 11.17 3.99
C GLU A 344 7.87 9.68 3.86
N CYS A 345 7.11 9.27 2.84
CA CYS A 345 6.99 7.85 2.54
C CYS A 345 7.83 7.54 1.31
N GLN A 346 8.81 6.65 1.46
CA GLN A 346 9.73 6.40 0.37
C GLN A 346 9.05 5.63 -0.75
N ILE A 347 8.01 4.86 -0.43
CA ILE A 347 7.23 4.21 -1.48
C ILE A 347 5.75 4.46 -1.22
N GLY A 348 4.93 4.28 -2.25
CA GLY A 348 3.50 4.43 -2.03
C GLY A 348 2.71 3.67 -3.08
N TYR A 349 1.51 3.23 -2.73
CA TYR A 349 0.64 2.58 -3.71
C TYR A 349 0.42 3.51 -4.88
N ASN A 350 0.28 2.92 -6.06
CA ASN A 350 0.04 3.65 -7.31
C ASN A 350 -1.39 3.39 -7.80
N PRO A 351 -2.39 3.99 -7.13
CA PRO A 351 -3.78 3.67 -7.52
C PRO A 351 -4.11 4.16 -8.91
N LEU A 352 -3.44 5.21 -9.39
CA LEU A 352 -3.72 5.70 -10.74
C LEU A 352 -3.43 4.64 -11.78
N GLN A 353 -2.24 4.05 -11.73
CA GLN A 353 -1.92 3.04 -12.72
C GLN A 353 -2.88 1.86 -12.59
N MET A 354 -3.16 1.46 -11.35
CA MET A 354 -4.02 0.31 -11.11
C MET A 354 -5.41 0.56 -11.68
N ALA A 355 -6.00 1.69 -11.33
CA ALA A 355 -7.36 1.97 -11.80
C ALA A 355 -7.43 2.05 -13.32
N LEU A 356 -6.38 2.57 -13.93
CA LEU A 356 -6.39 2.76 -15.37
C LEU A 356 -6.09 1.47 -16.13
N LEU A 357 -5.43 0.51 -15.49
CA LEU A 357 -5.31 -0.83 -16.10
C LEU A 357 -6.71 -1.40 -16.32
N TRP A 358 -7.53 -1.32 -15.29
CA TRP A 358 -8.90 -1.83 -15.36
C TRP A 358 -9.73 -1.02 -16.34
N ASN A 359 -9.58 0.31 -16.30
CA ASN A 359 -10.24 1.17 -17.27
C ASN A 359 -9.95 0.72 -18.70
N THR A 360 -8.68 0.47 -18.95
CA THR A 360 -8.24 0.18 -20.31
C THR A 360 -8.77 -1.16 -20.79
N LEU A 361 -8.87 -2.13 -19.89
CA LEU A 361 -9.51 -3.40 -20.27
C LEU A 361 -10.97 -3.19 -20.69
N ALA A 362 -11.68 -2.30 -19.98
CA ALA A 362 -13.09 -2.06 -20.31
C ALA A 362 -13.27 -1.29 -21.63
N THR A 363 -12.47 -0.24 -21.82
CA THR A 363 -12.67 0.65 -22.97
C THR A 363 -11.91 0.19 -24.21
N ARG A 364 -10.88 -0.63 -23.99
CA ARG A 364 -9.93 -1.09 -25.01
C ARG A 364 -9.04 0.06 -25.52
N GLU A 365 -9.14 1.23 -24.90
CA GLU A 365 -8.37 2.37 -25.37
CA GLU A 365 -8.39 2.40 -25.35
C GLU A 365 -7.38 2.82 -24.31
N VAL A 366 -6.11 2.90 -24.72
CA VAL A 366 -5.02 3.15 -23.77
C VAL A 366 -4.82 4.63 -23.47
N ASN A 367 -5.68 5.50 -24.02
CA ASN A 367 -5.50 6.95 -23.88
C ASN A 367 -5.21 7.44 -22.45
N LEU A 368 -6.08 7.11 -21.50
CA LEU A 368 -5.89 7.54 -20.12
C LEU A 368 -4.63 6.94 -19.50
N LEU A 369 -4.38 5.67 -19.79
CA LEU A 369 -3.20 5.00 -19.27
C LEU A 369 -1.92 5.62 -19.82
N HIS A 370 -1.90 5.87 -21.12
CA HIS A 370 -0.75 6.50 -21.76
C HIS A 370 -0.49 7.88 -21.15
N GLN A 371 -1.56 8.63 -20.95
CA GLN A 371 -1.44 9.94 -20.31
C GLN A 371 -0.79 9.84 -18.92
N ALA A 372 -1.28 8.91 -18.12
CA ALA A 372 -0.76 8.70 -16.77
C ALA A 372 0.70 8.28 -16.80
N LEU A 373 1.06 7.38 -17.69
CA LEU A 373 2.43 6.89 -17.73
C LEU A 373 3.38 7.96 -18.25
N THR A 374 2.85 8.86 -19.07
CA THR A 374 3.65 9.95 -19.63
C THR A 374 3.91 11.08 -18.63
N TYR A 375 2.91 11.44 -17.84
CA TYR A 375 2.97 12.65 -17.04
C TYR A 375 2.98 12.45 -15.53
N ARG A 376 2.63 11.25 -15.06
CA ARG A 376 2.50 11.04 -13.63
C ARG A 376 3.24 9.81 -13.11
N HIS A 377 4.12 9.22 -13.91
CA HIS A 377 4.83 8.02 -13.46
C HIS A 377 6.15 8.30 -12.74
N ASN A 378 6.97 9.18 -13.31
CA ASN A 378 8.30 9.39 -12.76
C ASN A 378 8.23 10.11 -11.42
N LEU A 379 9.11 9.72 -10.50
CA LEU A 379 9.08 10.17 -9.11
C LEU A 379 10.41 10.78 -8.71
N PRO A 380 10.45 11.50 -7.56
CA PRO A 380 11.73 12.03 -7.07
C PRO A 380 12.75 10.93 -6.81
N GLU A 381 14.04 11.30 -6.80
CA GLU A 381 15.07 10.33 -6.45
C GLU A 381 14.78 9.61 -5.14
N HIS A 382 15.17 8.34 -5.07
CA HIS A 382 15.12 7.55 -3.85
C HIS A 382 13.70 7.26 -3.38
N THR A 383 12.77 7.24 -4.33
CA THR A 383 11.39 6.86 -4.04
C THR A 383 10.87 5.94 -5.14
N ALA A 384 9.77 5.25 -4.86
CA ALA A 384 9.21 4.31 -5.84
C ALA A 384 7.71 4.13 -5.64
N TRP A 385 7.03 3.84 -6.74
CA TRP A 385 5.67 3.36 -6.68
C TRP A 385 5.62 1.92 -6.26
N VAL A 386 4.53 1.54 -5.59
CA VAL A 386 4.13 0.16 -5.48
C VAL A 386 3.03 -0.07 -6.52
N ASN A 387 3.37 -0.80 -7.58
CA ASN A 387 2.44 -1.05 -8.68
C ASN A 387 1.68 -2.33 -8.44
N TYR A 388 0.36 -2.26 -8.56
CA TYR A 388 -0.47 -3.41 -8.21
C TYR A 388 -1.65 -3.56 -9.16
N VAL A 389 -2.27 -4.73 -9.13
CA VAL A 389 -3.40 -5.04 -9.99
C VAL A 389 -4.68 -5.12 -9.15
N ARG A 390 -4.61 -5.82 -8.03
CA ARG A 390 -5.70 -5.81 -7.06
C ARG A 390 -5.12 -5.72 -5.66
N SER A 391 -6.00 -5.45 -4.70
CA SER A 391 -5.66 -5.43 -3.29
C SER A 391 -6.79 -6.03 -2.48
N HIS A 392 -6.66 -5.98 -1.16
CA HIS A 392 -7.72 -6.40 -0.26
C HIS A 392 -8.94 -5.50 -0.34
N ASP A 393 -8.77 -4.31 -0.92
CA ASP A 393 -9.88 -3.37 -1.06
C ASP A 393 -10.54 -3.39 -2.43
N ASP A 394 -11.71 -2.77 -2.47
CA ASP A 394 -12.39 -2.36 -3.70
C ASP A 394 -11.50 -1.54 -4.63
N ILE A 395 -11.90 -1.47 -5.91
CA ILE A 395 -11.30 -0.57 -6.89
C ILE A 395 -12.07 0.75 -6.93
N GLY A 396 -11.37 1.87 -6.74
CA GLY A 396 -11.96 3.18 -6.91
C GLY A 396 -11.40 3.81 -8.17
N TRP A 397 -12.22 4.58 -8.88
CA TRP A 397 -11.81 5.12 -10.18
C TRP A 397 -11.14 6.47 -9.99
N THR A 398 -9.95 6.45 -9.42
CA THR A 398 -9.31 7.67 -8.95
C THR A 398 -8.39 8.33 -9.99
N PHE A 399 -8.81 8.33 -11.25
CA PHE A 399 -8.14 9.15 -12.24
C PHE A 399 -8.58 10.59 -12.03
N ALA A 400 -7.83 11.53 -12.59
CA ALA A 400 -8.13 12.95 -12.45
C ALA A 400 -9.14 13.43 -13.49
N ASP A 401 -10.19 14.09 -13.02
CA ASP A 401 -11.17 14.65 -13.96
C ASP A 401 -10.52 15.66 -14.91
N GLU A 402 -9.55 16.41 -14.40
CA GLU A 402 -8.85 17.42 -15.18
C GLU A 402 -8.07 16.78 -16.31
N ASP A 403 -7.43 15.66 -16.01
CA ASP A 403 -6.69 14.91 -17.02
C ASP A 403 -7.63 14.37 -18.07
N ALA A 404 -8.72 13.76 -17.62
CA ALA A 404 -9.68 13.17 -18.53
C ALA A 404 -10.28 14.23 -19.45
N ALA A 405 -10.52 15.42 -18.89
CA ALA A 405 -11.12 16.52 -19.66
C ALA A 405 -10.24 16.92 -20.85
N TYR A 406 -8.92 16.85 -20.69
CA TYR A 406 -8.00 17.14 -21.78
C TYR A 406 -8.20 16.17 -22.93
N LEU A 407 -8.69 14.98 -22.60
CA LEU A 407 -8.90 13.94 -23.60
C LEU A 407 -10.32 13.94 -24.10
N GLY A 408 -11.12 14.92 -23.66
CA GLY A 408 -12.52 14.99 -24.03
C GLY A 408 -13.41 13.99 -23.32
N ILE A 409 -12.96 13.51 -22.17
CA ILE A 409 -13.72 12.54 -21.38
C ILE A 409 -14.30 13.21 -20.15
N SER A 410 -15.61 13.03 -19.94
CA SER A 410 -16.26 13.47 -18.71
C SER A 410 -16.05 12.46 -17.60
N GLY A 411 -15.36 12.88 -16.53
CA GLY A 411 -15.06 11.98 -15.43
C GLY A 411 -16.30 11.34 -14.85
N TYR A 412 -17.30 12.16 -14.55
CA TYR A 412 -18.52 11.64 -13.95
C TYR A 412 -19.17 10.58 -14.83
N ASP A 413 -19.37 10.90 -16.11
CA ASP A 413 -20.02 9.96 -17.01
C ASP A 413 -19.20 8.69 -17.18
N HIS A 414 -17.89 8.86 -17.23
CA HIS A 414 -17.00 7.74 -17.47
C HIS A 414 -17.04 6.74 -16.31
N ARG A 415 -17.07 7.28 -15.09
CA ARG A 415 -17.16 6.45 -13.91
C ARG A 415 -18.49 5.70 -13.88
N GLN A 416 -19.55 6.36 -14.33
CA GLN A 416 -20.84 5.68 -14.44
C GLN A 416 -20.72 4.45 -15.34
N PHE A 417 -20.00 4.59 -16.45
CA PHE A 417 -19.80 3.47 -17.37
C PHE A 417 -18.96 2.37 -16.73
N LEU A 418 -17.83 2.75 -16.12
CA LEU A 418 -16.92 1.76 -15.55
C LEU A 418 -17.60 0.96 -14.45
N ASN A 419 -18.43 1.65 -13.67
CA ASN A 419 -19.14 0.96 -12.63
C ASN A 419 -20.17 -0.02 -13.19
N ARG A 420 -20.89 0.38 -14.23
CA ARG A 420 -21.84 -0.54 -14.87
C ARG A 420 -21.10 -1.72 -15.48
N PHE A 421 -19.99 -1.43 -16.16
CA PHE A 421 -19.23 -2.45 -16.84
C PHE A 421 -18.74 -3.51 -15.87
N PHE A 422 -18.13 -3.08 -14.76
CA PHE A 422 -17.44 -4.05 -13.95
C PHE A 422 -18.32 -4.82 -13.00
N VAL A 423 -19.60 -4.45 -12.89
CA VAL A 423 -20.56 -5.26 -12.14
C VAL A 423 -21.55 -5.96 -13.06
N ASN A 424 -21.17 -6.10 -14.34
CA ASN A 424 -21.95 -6.86 -15.32
C ASN A 424 -23.36 -6.27 -15.52
N ARG A 425 -23.41 -4.95 -15.66
CA ARG A 425 -24.67 -4.26 -15.97
C ARG A 425 -24.46 -3.44 -17.24
N PHE A 426 -23.69 -4.00 -18.17
CA PHE A 426 -23.42 -3.36 -19.46
C PHE A 426 -23.29 -4.45 -20.52
N ASP A 427 -24.08 -4.33 -21.59
CA ASP A 427 -24.14 -5.35 -22.65
C ASP A 427 -22.78 -5.86 -23.06
N GLY A 428 -22.57 -7.16 -22.91
CA GLY A 428 -21.36 -7.80 -23.41
C GLY A 428 -20.19 -7.80 -22.43
N SER A 429 -20.36 -7.18 -21.27
CA SER A 429 -19.25 -7.12 -20.33
C SER A 429 -18.73 -8.50 -19.93
N PHE A 430 -17.40 -8.64 -19.84
CA PHE A 430 -16.80 -9.87 -19.34
C PHE A 430 -16.60 -9.88 -17.84
N ALA A 431 -16.82 -8.74 -17.18
CA ALA A 431 -16.49 -8.63 -15.75
C ALA A 431 -17.62 -9.16 -14.87
N ARG A 432 -17.25 -9.71 -13.73
CA ARG A 432 -18.23 -10.24 -12.76
C ARG A 432 -17.93 -9.70 -11.37
N GLY A 433 -17.88 -8.38 -11.26
CA GLY A 433 -17.64 -7.71 -9.99
C GLY A 433 -18.93 -7.42 -9.22
N VAL A 434 -18.76 -6.82 -8.05
N VAL A 434 -18.76 -6.81 -8.04
CA VAL A 434 -19.85 -6.52 -7.13
CA VAL A 434 -19.85 -6.52 -7.13
C VAL A 434 -19.75 -5.05 -6.70
C VAL A 434 -19.75 -5.06 -6.69
N PRO A 435 -20.89 -4.33 -6.62
CA PRO A 435 -20.79 -2.94 -6.19
C PRO A 435 -20.29 -2.80 -4.75
N PHE A 436 -19.60 -1.69 -4.48
CA PHE A 436 -19.17 -1.38 -3.13
C PHE A 436 -19.35 0.11 -2.87
N GLN A 437 -20.14 0.42 -1.85
CA GLN A 437 -20.43 1.80 -1.43
C GLN A 437 -20.97 2.70 -2.53
N TYR A 438 -22.08 2.31 -3.13
CA TYR A 438 -22.78 3.23 -4.00
C TYR A 438 -23.33 4.34 -3.15
N ASN A 439 -22.92 5.58 -3.46
CA ASN A 439 -23.37 6.73 -2.68
C ASN A 439 -24.44 7.50 -3.45
N PRO A 440 -25.70 7.39 -3.00
CA PRO A 440 -26.80 8.02 -3.75
C PRO A 440 -26.72 9.54 -3.75
N SER A 441 -25.90 10.12 -2.87
CA SER A 441 -25.78 11.57 -2.82
C SER A 441 -24.77 12.10 -3.83
N THR A 442 -23.83 11.24 -4.27
CA THR A 442 -22.77 11.69 -5.17
C THR A 442 -22.68 10.88 -6.46
N GLY A 443 -23.34 9.73 -6.49
CA GLY A 443 -23.28 8.84 -7.63
C GLY A 443 -21.99 8.04 -7.68
N ASP A 444 -21.11 8.23 -6.70
CA ASP A 444 -19.86 7.47 -6.63
C ASP A 444 -20.13 6.00 -6.31
N CYS A 445 -19.30 5.12 -6.83
CA CYS A 445 -19.36 3.71 -6.48
C CYS A 445 -18.01 3.08 -6.73
N ARG A 446 -17.69 2.02 -5.98
CA ARG A 446 -16.47 1.27 -6.19
C ARG A 446 -16.79 -0.18 -6.53
N VAL A 447 -15.76 -0.94 -6.89
CA VAL A 447 -15.97 -2.29 -7.40
C VAL A 447 -15.23 -3.34 -6.57
N SER A 448 -15.95 -4.38 -6.15
CA SER A 448 -15.33 -5.53 -5.48
C SER A 448 -15.23 -6.71 -6.44
N GLY A 449 -14.31 -7.62 -6.16
CA GLY A 449 -14.11 -8.80 -6.98
C GLY A 449 -12.64 -9.07 -7.25
N THR A 450 -12.30 -10.34 -7.45
CA THR A 450 -10.91 -10.70 -7.68
C THR A 450 -10.51 -10.36 -9.10
N ALA A 451 -9.21 -10.31 -9.36
CA ALA A 451 -8.71 -10.07 -10.71
C ALA A 451 -9.34 -11.06 -11.69
N ALA A 452 -9.39 -12.32 -11.31
CA ALA A 452 -9.90 -13.37 -12.20
C ALA A 452 -11.40 -13.16 -12.47
N ALA A 453 -12.13 -12.74 -11.45
CA ALA A 453 -13.55 -12.49 -11.63
C ALA A 453 -13.79 -11.30 -12.57
N LEU A 454 -12.90 -10.32 -12.50
CA LEU A 454 -13.09 -9.09 -13.25
C LEU A 454 -12.68 -9.25 -14.72
N VAL A 455 -11.86 -10.25 -15.03
CA VAL A 455 -11.43 -10.45 -16.42
C VAL A 455 -12.24 -11.51 -17.16
N GLY A 456 -13.15 -12.19 -16.45
CA GLY A 456 -14.02 -13.16 -17.10
C GLY A 456 -13.72 -14.63 -16.82
N LEU A 457 -12.83 -14.91 -15.88
CA LEU A 457 -12.46 -16.31 -15.65
C LEU A 457 -13.60 -17.11 -15.01
N ALA A 458 -14.50 -16.45 -14.29
CA ALA A 458 -15.60 -17.18 -13.65
C ALA A 458 -16.48 -17.89 -14.69
N GLN A 459 -16.57 -17.32 -15.89
CA GLN A 459 -17.37 -17.91 -16.97
C GLN A 459 -16.49 -18.50 -18.07
N ASP A 460 -15.23 -18.76 -17.74
CA ASP A 460 -14.27 -19.38 -18.66
C ASP A 460 -14.11 -18.61 -19.98
N ASP A 461 -14.17 -17.29 -19.90
CA ASP A 461 -13.83 -16.43 -21.04
C ASP A 461 -12.45 -16.82 -21.54
N PRO A 462 -12.34 -17.19 -22.83
CA PRO A 462 -11.05 -17.63 -23.36
C PRO A 462 -9.94 -16.58 -23.27
N HIS A 463 -10.29 -15.31 -23.10
CA HIS A 463 -9.30 -14.24 -22.99
C HIS A 463 -8.87 -13.97 -21.55
N ALA A 464 -9.53 -14.60 -20.58
CA ALA A 464 -9.29 -14.29 -19.16
C ALA A 464 -7.83 -14.45 -18.74
N VAL A 465 -7.24 -15.60 -19.04
CA VAL A 465 -5.86 -15.85 -18.65
C VAL A 465 -4.90 -14.80 -19.24
N ASP A 466 -5.07 -14.47 -20.51
CA ASP A 466 -4.17 -13.50 -21.13
C ASP A 466 -4.39 -12.09 -20.59
N ARG A 467 -5.63 -11.79 -20.18
CA ARG A 467 -5.92 -10.50 -19.57
C ARG A 467 -5.15 -10.33 -18.26
N ILE A 468 -5.14 -11.38 -17.43
CA ILE A 468 -4.41 -11.37 -16.16
C ILE A 468 -2.92 -11.15 -16.39
N LYS A 469 -2.37 -11.88 -17.37
CA LYS A 469 -0.97 -11.73 -17.75
C LYS A 469 -0.64 -10.31 -18.18
N LEU A 470 -1.49 -9.72 -19.01
CA LEU A 470 -1.29 -8.36 -19.49
C LEU A 470 -1.28 -7.35 -18.34
N LEU A 471 -2.26 -7.45 -17.44
CA LEU A 471 -2.32 -6.52 -16.33
C LEU A 471 -1.06 -6.60 -15.48
N TYR A 472 -0.71 -7.82 -15.07
CA TYR A 472 0.46 -7.98 -14.22
C TYR A 472 1.77 -7.60 -14.95
N SER A 473 1.81 -7.77 -16.27
CA SER A 473 3.04 -7.42 -16.99
C SER A 473 3.37 -5.93 -16.83
N ILE A 474 2.32 -5.12 -16.81
CA ILE A 474 2.51 -3.68 -16.71
C ILE A 474 2.97 -3.31 -15.31
N ALA A 475 2.36 -3.92 -14.28
CA ALA A 475 2.78 -3.67 -12.91
C ALA A 475 4.23 -4.11 -12.71
N LEU A 476 4.62 -5.18 -13.39
CA LEU A 476 5.95 -5.77 -13.23
C LEU A 476 7.05 -5.03 -13.98
N SER A 477 6.68 -4.22 -14.98
CA SER A 477 7.71 -3.69 -15.88
C SER A 477 7.76 -2.17 -16.01
N THR A 478 6.78 -1.44 -15.48
CA THR A 478 6.80 0.00 -15.68
C THR A 478 7.85 0.71 -14.83
N GLY A 479 8.24 0.09 -13.72
CA GLY A 479 9.24 0.71 -12.84
C GLY A 479 8.60 1.01 -11.51
N GLY A 480 9.15 0.40 -10.47
CA GLY A 480 8.53 0.43 -9.15
C GLY A 480 8.45 -0.98 -8.63
N LEU A 481 7.99 -1.13 -7.40
CA LEU A 481 7.92 -2.42 -6.74
C LEU A 481 6.55 -3.02 -6.97
N PRO A 482 6.47 -4.11 -7.73
CA PRO A 482 5.18 -4.74 -8.03
C PRO A 482 4.68 -5.59 -6.88
N LEU A 483 3.35 -5.57 -6.68
CA LEU A 483 2.74 -6.24 -5.55
C LEU A 483 1.65 -7.19 -6.06
N ILE A 484 1.88 -8.48 -5.84
CA ILE A 484 0.93 -9.51 -6.24
C ILE A 484 -0.10 -9.77 -5.14
N TYR A 485 -1.38 -9.70 -5.48
CA TYR A 485 -2.41 -10.12 -4.54
C TYR A 485 -2.46 -11.64 -4.57
N LEU A 486 -1.88 -12.26 -3.55
CA LEU A 486 -1.67 -13.71 -3.59
C LEU A 486 -2.98 -14.44 -3.72
N GLY A 487 -2.97 -15.40 -4.64
CA GLY A 487 -4.18 -16.05 -5.08
C GLY A 487 -4.41 -15.70 -6.55
N ASP A 488 -4.01 -14.49 -6.95
CA ASP A 488 -4.18 -14.07 -8.35
C ASP A 488 -3.36 -14.93 -9.29
N GLU A 489 -2.25 -15.45 -8.79
CA GLU A 489 -1.28 -16.11 -9.66
C GLU A 489 -1.74 -17.53 -10.02
N VAL A 490 -2.88 -17.97 -9.48
CA VAL A 490 -3.53 -19.20 -9.94
C VAL A 490 -4.99 -18.98 -10.34
N GLY A 491 -5.39 -17.72 -10.50
CA GLY A 491 -6.73 -17.40 -11.00
C GLY A 491 -7.85 -17.57 -9.99
N THR A 492 -7.58 -17.29 -8.72
CA THR A 492 -8.57 -17.46 -7.67
C THR A 492 -9.80 -16.56 -7.88
N LEU A 493 -10.98 -17.17 -7.77
CA LEU A 493 -12.24 -16.48 -8.01
C LEU A 493 -12.82 -15.90 -6.73
N ASN A 494 -13.94 -15.21 -6.86
CA ASN A 494 -14.59 -14.63 -5.68
C ASN A 494 -14.99 -15.68 -4.66
N ASP A 495 -15.04 -15.24 -3.40
CA ASP A 495 -15.72 -15.97 -2.34
C ASP A 495 -17.22 -15.75 -2.58
N ASP A 496 -17.88 -16.65 -3.30
CA ASP A 496 -19.30 -16.42 -3.62
C ASP A 496 -20.20 -16.57 -2.40
N ASP A 497 -19.65 -17.10 -1.30
CA ASP A 497 -20.38 -17.25 -0.05
C ASP A 497 -20.18 -16.11 0.95
N TRP A 498 -19.49 -15.04 0.53
CA TRP A 498 -19.22 -13.93 1.43
C TRP A 498 -20.51 -13.33 2.01
N SER A 499 -21.60 -13.32 1.23
CA SER A 499 -22.79 -12.57 1.64
C SER A 499 -23.64 -13.34 2.65
N GLN A 500 -23.25 -14.58 2.93
N GLN A 500 -23.26 -14.59 2.95
CA GLN A 500 -24.00 -15.44 3.84
CA GLN A 500 -24.84 -16.33 3.48
CA GLN A 500 -24.04 -15.40 3.87
C GLN A 500 -23.57 -15.20 5.29
C GLN A 500 -23.57 -15.22 5.30
N ASP A 501 -22.35 -14.71 5.46
CA ASP A 501 -21.82 -14.38 6.78
C ASP A 501 -22.36 -13.04 7.26
N SER A 502 -23.18 -13.04 8.31
CA SER A 502 -23.81 -11.81 8.76
C SER A 502 -22.78 -10.78 9.25
N ASN A 503 -21.56 -11.22 9.53
CA ASN A 503 -20.49 -10.30 9.89
C ASN A 503 -19.85 -9.66 8.66
N LYS A 504 -20.17 -10.17 7.48
CA LYS A 504 -19.54 -9.73 6.24
C LYS A 504 -20.53 -9.20 5.21
N SER A 505 -21.82 -9.49 5.40
CA SER A 505 -22.80 -9.32 4.31
C SER A 505 -23.02 -7.87 3.87
N ASP A 506 -22.63 -6.91 4.69
CA ASP A 506 -22.75 -5.50 4.33
C ASP A 506 -21.41 -4.92 3.86
N ASP A 507 -20.47 -5.79 3.52
CA ASP A 507 -19.14 -5.37 3.07
C ASP A 507 -18.66 -6.24 1.92
N SER A 508 -18.96 -5.82 0.70
CA SER A 508 -18.73 -6.67 -0.46
C SER A 508 -17.25 -6.87 -0.76
N ARG A 509 -16.37 -6.17 -0.04
CA ARG A 509 -14.94 -6.40 -0.24
C ARG A 509 -14.57 -7.83 0.08
N TRP A 510 -15.37 -8.48 0.93
CA TRP A 510 -15.12 -9.87 1.28
C TRP A 510 -15.29 -10.82 0.09
N ALA A 511 -15.99 -10.38 -0.96
CA ALA A 511 -16.08 -11.15 -2.21
C ALA A 511 -14.71 -11.44 -2.80
N HIS A 512 -13.75 -10.53 -2.62
CA HIS A 512 -12.43 -10.75 -3.18
C HIS A 512 -11.38 -11.02 -2.12
N ARG A 513 -11.84 -11.55 -0.99
CA ARG A 513 -10.94 -12.06 0.04
C ARG A 513 -11.19 -13.55 0.26
N PRO A 514 -11.00 -14.37 -0.79
CA PRO A 514 -11.22 -15.81 -0.63
C PRO A 514 -10.10 -16.49 0.14
N ARG A 515 -10.36 -17.71 0.57
CA ARG A 515 -9.33 -18.51 1.20
C ARG A 515 -8.41 -19.10 0.14
N TYR A 516 -7.27 -19.58 0.61
CA TYR A 516 -6.34 -20.35 -0.21
C TYR A 516 -7.08 -21.48 -0.93
N ASN A 517 -7.01 -21.50 -2.26
CA ASN A 517 -7.69 -22.52 -3.04
C ASN A 517 -6.74 -23.67 -3.33
N GLU A 518 -6.87 -24.75 -2.56
CA GLU A 518 -5.97 -25.90 -2.66
C GLU A 518 -6.01 -26.50 -4.06
N ALA A 519 -7.20 -26.57 -4.64
CA ALA A 519 -7.36 -27.20 -5.95
C ALA A 519 -6.58 -26.43 -7.02
N LEU A 520 -6.65 -25.11 -6.96
CA LEU A 520 -5.94 -24.30 -7.95
C LEU A 520 -4.42 -24.33 -7.72
N TYR A 521 -3.98 -24.20 -6.47
CA TYR A 521 -2.55 -24.23 -6.20
C TYR A 521 -1.94 -25.59 -6.57
N ALA A 522 -2.72 -26.65 -6.45
CA ALA A 522 -2.24 -28.00 -6.79
C ALA A 522 -1.98 -28.13 -8.29
N GLN A 523 -2.57 -27.24 -9.08
CA GLN A 523 -2.40 -27.31 -10.53
C GLN A 523 -1.48 -26.23 -11.10
N ARG A 524 -0.69 -25.58 -10.26
CA ARG A 524 0.09 -24.43 -10.73
C ARG A 524 1.18 -24.83 -11.71
N ASN A 525 1.59 -26.09 -11.69
CA ASN A 525 2.60 -26.58 -12.62
C ASN A 525 2.00 -27.38 -13.77
N ASN A 526 0.68 -27.28 -13.93
CA ASN A 526 -0.04 -28.03 -14.97
C ASN A 526 -0.50 -27.11 -16.11
N PRO A 527 0.21 -27.14 -17.24
CA PRO A 527 -0.08 -26.25 -18.37
C PRO A 527 -1.48 -26.46 -18.96
N SER A 528 -2.14 -27.55 -18.59
CA SER A 528 -3.47 -27.83 -19.13
C SER A 528 -4.58 -27.13 -18.36
N THR A 529 -4.22 -26.38 -17.32
CA THR A 529 -5.19 -25.68 -16.49
C THR A 529 -5.00 -24.17 -16.54
N ALA A 530 -6.07 -23.42 -16.29
CA ALA A 530 -5.96 -21.97 -16.18
C ALA A 530 -4.96 -21.61 -15.08
N ALA A 531 -5.03 -22.33 -13.96
CA ALA A 531 -4.12 -22.09 -12.83
C ALA A 531 -2.67 -22.17 -13.25
N GLY A 532 -2.33 -23.22 -13.99
CA GLY A 532 -0.95 -23.47 -14.41
C GLY A 532 -0.53 -22.50 -15.49
N GLN A 533 -1.48 -22.14 -16.36
CA GLN A 533 -1.20 -21.16 -17.41
C GLN A 533 -0.88 -19.79 -16.81
N ILE A 534 -1.71 -19.35 -15.88
CA ILE A 534 -1.49 -18.08 -15.19
C ILE A 534 -0.18 -18.13 -14.41
N TYR A 535 0.00 -19.18 -13.60
CA TYR A 535 1.18 -19.25 -12.74
C TYR A 535 2.47 -19.26 -13.54
N GLN A 536 2.55 -20.11 -14.57
CA GLN A 536 3.79 -20.22 -15.31
C GLN A 536 4.11 -18.92 -16.04
N ASP A 537 3.08 -18.23 -16.52
CA ASP A 537 3.31 -17.00 -17.25
C ASP A 537 3.69 -15.85 -16.32
N LEU A 538 3.03 -15.75 -15.17
CA LEU A 538 3.43 -14.74 -14.18
C LEU A 538 4.82 -15.03 -13.65
N ARG A 539 5.09 -16.30 -13.35
CA ARG A 539 6.40 -16.68 -12.82
C ARG A 539 7.51 -16.35 -13.82
N HIS A 540 7.22 -16.55 -15.11
CA HIS A 540 8.21 -16.23 -16.14
C HIS A 540 8.50 -14.72 -16.15
N MET A 541 7.45 -13.90 -16.07
CA MET A 541 7.64 -12.46 -16.06
C MET A 541 8.42 -12.01 -14.83
N ILE A 542 8.12 -12.60 -13.68
CA ILE A 542 8.88 -12.33 -12.48
C ILE A 542 10.36 -12.68 -12.67
N ALA A 543 10.62 -13.85 -13.23
CA ALA A 543 12.00 -14.29 -13.44
C ALA A 543 12.75 -13.34 -14.37
N VAL A 544 12.08 -12.88 -15.43
CA VAL A 544 12.71 -11.95 -16.35
C VAL A 544 12.96 -10.60 -15.68
N ARG A 545 11.95 -10.08 -14.99
CA ARG A 545 12.11 -8.82 -14.26
C ARG A 545 13.31 -8.86 -13.33
N GLN A 546 13.42 -9.94 -12.56
CA GLN A 546 14.40 -9.97 -11.49
C GLN A 546 15.83 -10.19 -12.00
N SER A 547 15.96 -10.79 -13.17
CA SER A 547 17.27 -11.18 -13.67
C SER A 547 17.84 -10.17 -14.67
N ASN A 548 16.96 -9.37 -15.27
CA ASN A 548 17.34 -8.49 -16.36
C ASN A 548 17.42 -7.03 -15.91
N PRO A 549 18.63 -6.45 -15.92
CA PRO A 549 18.79 -5.12 -15.33
C PRO A 549 18.10 -4.01 -16.14
N ARG A 550 17.59 -4.33 -17.33
CA ARG A 550 16.89 -3.34 -18.12
C ARG A 550 15.62 -2.87 -17.42
N PHE A 551 15.16 -3.63 -16.43
CA PHE A 551 13.96 -3.28 -15.67
C PHE A 551 14.25 -2.45 -14.42
N ASP A 552 15.52 -2.25 -14.11
CA ASP A 552 15.93 -1.60 -12.87
C ASP A 552 15.43 -0.15 -12.76
N GLY A 553 15.15 0.28 -11.54
CA GLY A 553 14.76 1.67 -11.32
C GLY A 553 13.27 1.91 -11.56
N GLY A 554 12.85 3.15 -11.38
CA GLY A 554 11.44 3.50 -11.48
C GLY A 554 11.05 4.37 -12.66
N ARG A 555 12.01 4.76 -13.50
CA ARG A 555 11.73 5.73 -14.56
C ARG A 555 11.30 5.06 -15.87
N LEU A 556 10.40 5.70 -16.59
CA LEU A 556 10.07 5.24 -17.94
C LEU A 556 9.81 6.42 -18.85
N VAL A 557 9.90 6.15 -20.14
CA VAL A 557 9.48 7.08 -21.18
C VAL A 557 8.40 6.37 -22.01
N THR A 558 7.28 7.03 -22.27
CA THR A 558 6.30 6.36 -23.12
C THR A 558 6.72 6.41 -24.59
N PHE A 559 6.15 5.49 -25.36
CA PHE A 559 6.38 5.37 -26.78
C PHE A 559 5.05 5.47 -27.50
N ASN A 560 4.95 6.38 -28.45
CA ASN A 560 3.70 6.54 -29.20
C ASN A 560 3.54 5.41 -30.21
N THR A 561 2.57 4.52 -29.96
CA THR A 561 2.38 3.34 -30.80
C THR A 561 1.54 3.61 -32.04
N ASN A 562 0.87 4.76 -32.05
CA ASN A 562 -0.05 5.13 -33.13
C ASN A 562 -1.18 4.11 -33.32
N ASN A 563 -1.45 3.34 -32.27
CA ASN A 563 -2.59 2.45 -32.24
C ASN A 563 -3.29 2.66 -30.90
N LYS A 564 -4.53 3.13 -30.94
CA LYS A 564 -5.25 3.51 -29.73
C LYS A 564 -5.46 2.35 -28.76
N HIS A 565 -5.20 1.12 -29.22
CA HIS A 565 -5.40 -0.07 -28.40
C HIS A 565 -4.14 -0.62 -27.78
N ILE A 566 -2.98 -0.09 -28.17
CA ILE A 566 -1.70 -0.65 -27.74
C ILE A 566 -0.92 0.37 -26.90
N ILE A 567 -0.59 -0.01 -25.67
CA ILE A 567 0.30 0.82 -24.85
C ILE A 567 1.76 0.50 -25.19
N GLY A 568 2.63 1.51 -25.13
CA GLY A 568 4.06 1.29 -25.34
C GLY A 568 4.89 2.17 -24.40
N TYR A 569 5.97 1.62 -23.87
CA TYR A 569 6.88 2.43 -23.04
C TYR A 569 8.26 1.82 -23.04
N ILE A 570 9.25 2.62 -22.67
CA ILE A 570 10.63 2.19 -22.73
C ILE A 570 11.29 2.34 -21.37
N ARG A 571 11.94 1.26 -20.93
CA ARG A 571 12.74 1.24 -19.70
C ARG A 571 14.24 1.35 -20.00
N ASN A 572 14.90 2.29 -19.33
CA ASN A 572 16.36 2.46 -19.40
C ASN A 572 16.92 2.56 -20.82
N ASN A 573 16.12 3.12 -21.71
CA ASN A 573 16.45 3.21 -23.13
C ASN A 573 16.87 1.86 -23.70
N ALA A 574 16.32 0.77 -23.18
CA ALA A 574 16.82 -0.57 -23.52
C ALA A 574 15.74 -1.65 -23.65
N LEU A 575 14.57 -1.38 -23.09
CA LEU A 575 13.50 -2.35 -23.09
C LEU A 575 12.25 -1.65 -23.58
N LEU A 576 11.74 -2.10 -24.72
CA LEU A 576 10.51 -1.55 -25.28
C LEU A 576 9.36 -2.51 -25.04
N ALA A 577 8.39 -2.09 -24.23
CA ALA A 577 7.24 -2.91 -23.89
C ALA A 577 6.01 -2.51 -24.68
N PHE A 578 5.30 -3.49 -25.23
CA PHE A 578 4.01 -3.28 -25.90
C PHE A 578 2.97 -4.13 -25.21
N GLY A 579 1.78 -3.56 -25.00
CA GLY A 579 0.66 -4.32 -24.49
C GLY A 579 -0.59 -4.01 -25.28
N ASN A 580 -1.21 -5.06 -25.82
CA ASN A 580 -2.42 -4.92 -26.61
C ASN A 580 -3.67 -5.08 -25.75
N PHE A 581 -4.44 -4.02 -25.59
CA PHE A 581 -5.62 -4.08 -24.73
C PHE A 581 -6.90 -4.39 -25.50
N SER A 582 -6.75 -4.73 -26.77
CA SER A 582 -7.89 -5.16 -27.59
C SER A 582 -8.03 -6.67 -27.57
N GLU A 583 -9.26 -7.14 -27.70
CA GLU A 583 -9.52 -8.58 -27.82
C GLU A 583 -9.35 -9.06 -29.28
N TYR A 584 -8.91 -8.14 -30.15
CA TYR A 584 -8.61 -8.45 -31.55
C TYR A 584 -7.14 -8.19 -31.83
N PRO A 585 -6.61 -8.77 -32.92
CA PRO A 585 -5.22 -8.47 -33.26
C PRO A 585 -5.05 -6.98 -33.55
N GLN A 586 -3.90 -6.43 -33.19
CA GLN A 586 -3.65 -5.02 -33.40
C GLN A 586 -2.21 -4.81 -33.85
N THR A 587 -2.02 -3.84 -34.73
CA THR A 587 -0.71 -3.64 -35.37
C THR A 587 -0.01 -2.34 -34.97
N VAL A 588 1.30 -2.44 -34.75
CA VAL A 588 2.21 -1.31 -34.72
C VAL A 588 2.90 -1.31 -36.08
N THR A 589 2.78 -0.22 -36.83
CA THR A 589 3.30 -0.23 -38.21
C THR A 589 4.81 -0.16 -38.28
N ALA A 590 5.37 -0.64 -39.38
CA ALA A 590 6.79 -0.47 -39.64
C ALA A 590 7.14 1.01 -39.62
N HIS A 591 6.23 1.85 -40.12
CA HIS A 591 6.49 3.29 -40.10
C HIS A 591 6.73 3.80 -38.67
N THR A 592 5.90 3.36 -37.75
CA THR A 592 6.03 3.74 -36.35
C THR A 592 7.34 3.21 -35.71
N LEU A 593 7.84 2.10 -36.22
CA LEU A 593 9.02 1.45 -35.64
C LEU A 593 10.36 1.82 -36.30
N GLN A 594 10.36 2.79 -37.22
CA GLN A 594 11.56 3.11 -38.02
C GLN A 594 12.83 3.44 -37.24
N ALA A 595 12.68 4.03 -36.06
CA ALA A 595 13.82 4.50 -35.28
C ALA A 595 14.43 3.38 -34.45
N MET A 596 13.74 2.25 -34.40
CA MET A 596 14.17 1.15 -33.56
C MET A 596 15.24 0.33 -34.26
N PRO A 597 15.97 -0.48 -33.49
CA PRO A 597 16.90 -1.42 -34.11
C PRO A 597 16.19 -2.33 -35.10
N PHE A 598 16.97 -2.88 -36.01
CA PHE A 598 16.45 -3.72 -37.07
C PHE A 598 15.67 -4.94 -36.56
N LYS A 599 16.21 -5.59 -35.53
CA LYS A 599 15.58 -6.75 -34.92
C LYS A 599 15.65 -6.62 -33.40
N ALA A 600 14.75 -7.28 -32.68
CA ALA A 600 14.82 -7.28 -31.21
C ALA A 600 14.29 -8.58 -30.63
N HIS A 601 14.97 -9.06 -29.61
CA HIS A 601 14.53 -10.24 -28.87
C HIS A 601 13.37 -9.90 -27.94
N ASP A 602 12.30 -10.67 -28.03
CA ASP A 602 11.15 -10.52 -27.14
C ASP A 602 11.28 -11.47 -25.95
N LEU A 603 11.37 -10.91 -24.74
CA LEU A 603 11.59 -11.71 -23.55
C LEU A 603 10.36 -12.50 -23.13
N ILE A 604 9.19 -12.09 -23.62
CA ILE A 604 7.96 -12.78 -23.25
C ILE A 604 7.83 -14.10 -24.00
N GLY A 605 7.83 -14.03 -25.33
CA GLY A 605 7.68 -15.21 -26.17
C GLY A 605 8.98 -15.87 -26.58
N GLY A 606 10.09 -15.15 -26.44
CA GLY A 606 11.41 -15.72 -26.69
C GLY A 606 11.91 -15.64 -28.12
N LYS A 607 11.11 -15.07 -29.01
CA LYS A 607 11.48 -14.98 -30.42
C LYS A 607 12.15 -13.67 -30.79
N THR A 608 12.88 -13.67 -31.90
CA THR A 608 13.47 -12.45 -32.43
C THR A 608 12.49 -11.78 -33.38
N ILE A 609 12.11 -10.56 -33.06
CA ILE A 609 11.06 -9.84 -33.79
C ILE A 609 11.67 -8.88 -34.78
N SER A 610 11.19 -8.92 -36.03
CA SER A 610 11.66 -7.99 -37.04
C SER A 610 10.90 -6.67 -36.88
N LEU A 611 11.64 -5.59 -36.68
CA LEU A 611 10.99 -4.30 -36.45
C LEU A 611 10.96 -3.44 -37.72
N ASN A 612 11.46 -3.98 -38.83
CA ASN A 612 11.40 -3.27 -40.11
C ASN A 612 10.16 -3.63 -40.91
N GLN A 613 9.22 -4.29 -40.25
CA GLN A 613 7.93 -4.60 -40.87
C GLN A 613 6.84 -4.43 -39.83
N ASP A 614 5.60 -4.43 -40.30
CA ASP A 614 4.46 -4.28 -39.40
C ASP A 614 4.50 -5.34 -38.31
N LEU A 615 4.20 -4.92 -37.09
CA LEU A 615 4.22 -5.79 -35.93
C LEU A 615 2.79 -6.00 -35.46
N THR A 616 2.29 -7.22 -35.62
CA THR A 616 0.92 -7.49 -35.24
C THR A 616 0.92 -8.28 -33.93
N LEU A 617 0.19 -7.76 -32.95
CA LEU A 617 0.06 -8.39 -31.65
C LEU A 617 -1.24 -9.16 -31.59
N GLN A 618 -1.20 -10.38 -31.06
CA GLN A 618 -2.42 -11.14 -30.81
C GLN A 618 -3.25 -10.44 -29.73
N PRO A 619 -4.53 -10.81 -29.59
CA PRO A 619 -5.33 -10.23 -28.49
C PRO A 619 -4.62 -10.35 -27.15
N TYR A 620 -4.53 -9.21 -26.46
CA TYR A 620 -3.93 -9.10 -25.14
C TYR A 620 -2.47 -9.51 -25.05
N GLN A 621 -1.78 -9.58 -26.19
CA GLN A 621 -0.37 -9.97 -26.15
C GLN A 621 0.49 -8.87 -25.51
N VAL A 622 1.51 -9.33 -24.77
CA VAL A 622 2.55 -8.47 -24.23
C VAL A 622 3.87 -8.81 -24.91
N MET A 623 4.64 -7.78 -25.28
CA MET A 623 5.96 -7.95 -25.83
C MET A 623 6.95 -7.13 -25.03
N TRP A 624 8.07 -7.73 -24.65
CA TRP A 624 9.13 -7.02 -23.95
C TRP A 624 10.39 -7.10 -24.81
N LEU A 625 10.63 -6.06 -25.60
CA LEU A 625 11.71 -6.07 -26.60
C LEU A 625 13.03 -5.47 -26.12
N GLU A 626 14.12 -6.22 -26.26
CA GLU A 626 15.43 -5.70 -25.92
C GLU A 626 15.98 -4.87 -27.09
N ILE A 627 15.97 -3.55 -26.93
CA ILE A 627 16.42 -2.65 -27.99
C ILE A 627 17.78 -2.04 -27.68
N ALA A 628 18.36 -2.44 -26.55
CA ALA A 628 19.77 -2.19 -26.24
C ALA A 628 20.20 -3.19 -25.17
#